data_9GFW
#
_entry.id   9GFW
#
_cell.length_a   42.195
_cell.length_b   41.443
_cell.length_c   72.084
_cell.angle_alpha   90.00
_cell.angle_beta   104.43
_cell.angle_gamma   90.00
#
_symmetry.space_group_name_H-M   'P 1 21 1'
#
loop_
_entity.id
_entity.type
_entity.pdbx_description
1 polymer 'Carbonic anhydrase 2'
2 non-polymer 'ZINC ION'
3 non-polymer (4-methylphenyl)-tris(oxidanyl)boron
4 non-polymer GLYCEROL
5 non-polymer 'DIMETHYL SULFOXIDE'
6 non-polymer 'MERCURIBENZOIC ACID'
7 water water
#
_entity_poly.entity_id   1
_entity_poly.type   'polypeptide(L)'
_entity_poly.pdbx_seq_one_letter_code
;MSHHWGYGKHNGPEHWHKDFPIAKGERQSPVDIDTHTAKYDPSLKPLSVSYDQATSLRILNNGHAFNVEFDDSQDKAVLK
GGPLDGTYRLIQFHFHWGSLDGQGSEHTVDKKKYAAELHLVHWNTKYGDFGKAVQQPDGLAVLGIFLKVGSAKPGLQKVV
DVLDSIKTKGKSADFTNFDPRGLLPESLDYWTYPGSLTTPPLLECVTWIVLKEPISVSSEQVLKFRKLNFNGEGEPEELM
VDNWRPAQPLKNRQIKASFK
;
_entity_poly.pdbx_strand_id   A
#
loop_
_chem_comp.id
_chem_comp.type
_chem_comp.name
_chem_comp.formula
A1IKU non-polymer (4-methylphenyl)-tris(oxidanyl)boron 'C7 H10 B O3'
DMS non-polymer 'DIMETHYL SULFOXIDE' 'C2 H6 O S'
GOL non-polymer GLYCEROL 'C3 H8 O3'
MBO non-polymer 'MERCURIBENZOIC ACID' 'C7 H5 Hg O2'
ZN non-polymer 'ZINC ION' 'Zn 2'
#
# COMPACT_ATOMS: atom_id res chain seq x y z
N HIS A 3 19.57 -8.08 -5.89
CA HIS A 3 19.46 -7.13 -4.75
C HIS A 3 18.98 -7.90 -3.50
N HIS A 4 19.47 -7.52 -2.33
CA HIS A 4 19.18 -8.18 -1.04
C HIS A 4 18.74 -7.14 -0.03
N TRP A 5 17.76 -6.36 -0.39
CA TRP A 5 17.26 -5.30 0.52
C TRP A 5 16.26 -5.92 1.47
N GLY A 6 16.03 -5.24 2.57
CA GLY A 6 15.02 -5.68 3.54
C GLY A 6 14.71 -4.54 4.49
N TYR A 7 14.37 -4.92 5.72
CA TYR A 7 13.99 -3.98 6.76
C TYR A 7 14.87 -4.02 8.00
N GLY A 8 15.96 -4.78 7.95
CA GLY A 8 16.85 -4.93 9.10
C GLY A 8 17.82 -3.76 9.22
N LYS A 9 18.66 -3.84 10.23
CA LYS A 9 19.69 -2.83 10.47
C LYS A 9 20.70 -2.82 9.32
N HIS A 10 20.97 -4.00 8.76
CA HIS A 10 22.02 -4.05 7.78
C HIS A 10 21.53 -3.94 6.37
N ASN A 11 20.22 -4.00 6.12
CA ASN A 11 19.72 -3.94 4.76
C ASN A 11 18.46 -3.09 4.60
N GLY A 12 18.16 -2.30 5.62
CA GLY A 12 16.90 -1.58 5.71
C GLY A 12 16.91 -0.25 4.97
N PRO A 13 15.85 0.53 5.19
CA PRO A 13 15.66 1.78 4.46
C PRO A 13 16.82 2.74 4.39
N GLU A 14 17.68 2.79 5.43
CA GLU A 14 18.81 3.72 5.39
C GLU A 14 19.91 3.25 4.45
N HIS A 15 19.86 2.00 4.01
CA HIS A 15 20.83 1.45 3.09
C HIS A 15 20.37 1.45 1.65
N TRP A 16 19.07 1.61 1.39
CA TRP A 16 18.52 1.37 0.06
C TRP A 16 19.15 2.27 -1.00
N HIS A 17 19.53 3.49 -0.62
CA HIS A 17 20.06 4.43 -1.60
C HIS A 17 21.30 3.97 -2.33
N LYS A 18 22.06 3.03 -1.75
CA LYS A 18 23.30 2.60 -2.41
C LYS A 18 23.00 1.85 -3.70
N ASP A 19 22.02 0.94 -3.68
CA ASP A 19 21.62 0.23 -4.89
C ASP A 19 20.54 0.99 -5.68
N PHE A 20 19.78 1.83 -5.00
CA PHE A 20 18.65 2.53 -5.58
C PHE A 20 18.76 4.01 -5.27
N PRO A 21 19.62 4.76 -5.99
CA PRO A 21 19.90 6.15 -5.65
C PRO A 21 18.68 7.07 -5.68
N ILE A 22 17.63 6.62 -6.38
N ILE A 22 17.59 6.72 -6.37
CA ILE A 22 16.36 7.33 -6.41
CA ILE A 22 16.37 7.51 -6.33
C ILE A 22 15.73 7.42 -5.02
C ILE A 22 15.78 7.55 -4.91
N ALA A 23 16.25 6.66 -4.03
CA ALA A 23 15.79 6.72 -2.64
C ALA A 23 15.93 8.15 -2.08
N LYS A 24 16.88 8.94 -2.63
CA LYS A 24 17.10 10.31 -2.18
C LYS A 24 16.54 11.32 -3.18
N GLY A 25 15.53 10.88 -3.96
CA GLY A 25 14.96 11.68 -5.03
C GLY A 25 13.98 12.74 -4.55
N GLU A 26 13.38 13.37 -5.55
CA GLU A 26 12.54 14.53 -5.34
C GLU A 26 11.08 14.19 -5.09
N ARG A 27 10.68 12.94 -5.24
CA ARG A 27 9.27 12.60 -5.07
C ARG A 27 9.15 11.24 -4.44
N GLN A 28 9.83 11.07 -3.29
CA GLN A 28 9.80 9.79 -2.58
C GLN A 28 8.63 9.70 -1.60
N SER A 29 8.23 8.46 -1.37
CA SER A 29 7.16 8.12 -0.46
C SER A 29 7.64 7.12 0.56
N PRO A 30 6.96 7.01 1.71
CA PRO A 30 5.82 7.84 2.16
C PRO A 30 6.27 9.20 2.62
N VAL A 31 5.28 9.99 3.03
CA VAL A 31 5.47 11.31 3.63
C VAL A 31 4.58 11.44 4.84
N ASP A 32 4.93 12.39 5.70
CA ASP A 32 4.03 12.84 6.72
C ASP A 32 3.00 13.78 6.07
N ILE A 33 1.72 13.57 6.40
CA ILE A 33 0.64 14.40 5.93
C ILE A 33 0.33 15.37 7.06
N ASP A 34 0.75 16.61 6.87
N ASP A 34 0.76 16.62 6.87
CA ASP A 34 0.48 17.67 7.82
CA ASP A 34 0.48 17.70 7.78
C ASP A 34 -0.88 18.21 7.43
C ASP A 34 -0.90 18.22 7.41
N THR A 35 -1.88 17.91 8.25
CA THR A 35 -3.26 18.16 7.92
C THR A 35 -3.56 19.64 7.84
N HIS A 36 -2.81 20.45 8.57
CA HIS A 36 -3.02 21.89 8.54
C HIS A 36 -2.47 22.54 7.29
N THR A 37 -1.45 21.92 6.65
CA THR A 37 -0.83 22.46 5.45
C THR A 37 -1.52 21.95 4.19
N ALA A 38 -2.17 20.81 4.23
CA ALA A 38 -2.87 20.27 3.07
C ALA A 38 -4.03 21.20 2.78
N LYS A 39 -4.28 21.47 1.53
CA LYS A 39 -5.34 22.41 1.13
C LYS A 39 -6.44 21.67 0.39
N TYR A 40 -7.71 21.99 0.70
CA TYR A 40 -8.83 21.50 -0.07
C TYR A 40 -8.67 21.93 -1.53
N ASP A 41 -8.89 21.00 -2.45
CA ASP A 41 -8.77 21.28 -3.87
C ASP A 41 -10.11 21.09 -4.54
N PRO A 42 -10.81 22.18 -4.90
CA PRO A 42 -12.09 22.04 -5.59
C PRO A 42 -11.98 21.48 -7.00
N SER A 43 -10.77 21.39 -7.59
CA SER A 43 -10.59 20.85 -8.94
C SER A 43 -10.65 19.32 -8.98
N LEU A 44 -10.52 18.67 -7.82
CA LEU A 44 -10.58 17.23 -7.77
C LEU A 44 -11.99 16.79 -8.15
N LYS A 45 -12.05 15.79 -9.04
CA LYS A 45 -13.31 15.19 -9.44
C LYS A 45 -13.73 14.13 -8.43
N PRO A 46 -15.00 13.70 -8.39
CA PRO A 46 -15.33 12.61 -7.48
C PRO A 46 -14.44 11.38 -7.72
N LEU A 47 -14.04 10.73 -6.63
CA LEU A 47 -13.28 9.48 -6.72
C LEU A 47 -14.20 8.31 -6.95
N SER A 48 -13.80 7.40 -7.83
CA SER A 48 -14.59 6.25 -8.23
C SER A 48 -13.77 4.99 -8.02
N VAL A 49 -14.18 4.17 -7.07
CA VAL A 49 -13.58 2.89 -6.81
C VAL A 49 -14.58 1.84 -7.31
N SER A 50 -14.28 1.15 -8.42
CA SER A 50 -15.23 0.25 -9.05
C SER A 50 -14.66 -1.16 -9.03
N TYR A 51 -14.94 -1.87 -7.94
CA TYR A 51 -14.36 -3.18 -7.73
C TYR A 51 -15.35 -4.33 -7.86
N ASP A 52 -16.56 -4.09 -8.38
CA ASP A 52 -17.56 -5.15 -8.46
C ASP A 52 -17.12 -6.40 -9.25
N GLN A 53 -16.27 -6.25 -10.26
CA GLN A 53 -15.82 -7.39 -11.05
C GLN A 53 -14.41 -7.81 -10.69
N ALA A 54 -13.89 -7.34 -9.55
CA ALA A 54 -12.55 -7.72 -9.14
C ALA A 54 -12.42 -9.22 -9.04
N THR A 55 -11.34 -9.76 -9.59
CA THR A 55 -11.12 -11.19 -9.64
C THR A 55 -9.76 -11.49 -9.05
N SER A 56 -9.76 -11.84 -7.78
CA SER A 56 -8.52 -12.20 -7.12
C SER A 56 -8.11 -13.57 -7.61
N LEU A 57 -6.79 -13.80 -7.61
CA LEU A 57 -6.29 -15.10 -8.03
C LEU A 57 -5.47 -15.84 -6.98
N ARG A 58 -4.60 -15.14 -6.27
CA ARG A 58 -3.55 -15.82 -5.54
C ARG A 58 -3.05 -14.89 -4.46
N ILE A 59 -2.46 -15.46 -3.41
CA ILE A 59 -1.78 -14.72 -2.36
C ILE A 59 -0.36 -15.26 -2.26
N LEU A 60 0.61 -14.34 -2.20
CA LEU A 60 2.00 -14.64 -2.30
C LEU A 60 2.79 -13.99 -1.14
N ASN A 61 3.64 -14.75 -0.40
CA ASN A 61 4.64 -14.19 0.51
C ASN A 61 5.92 -13.94 -0.31
N ASN A 62 6.25 -12.66 -0.54
CA ASN A 62 7.37 -12.33 -1.40
C ASN A 62 8.63 -12.04 -0.59
N GLY A 63 8.63 -12.33 0.72
CA GLY A 63 9.77 -12.07 1.56
C GLY A 63 9.85 -10.63 2.11
N HIS A 64 8.95 -9.77 1.70
CA HIS A 64 8.87 -8.39 2.18
C HIS A 64 7.47 -8.06 2.72
N ALA A 65 6.44 -8.64 2.12
CA ALA A 65 5.06 -8.55 2.57
C ALA A 65 4.33 -9.73 1.95
N PHE A 66 3.01 -9.70 1.95
CA PHE A 66 2.25 -10.62 1.13
C PHE A 66 1.37 -9.85 0.16
N ASN A 67 1.29 -10.32 -1.08
CA ASN A 67 0.43 -9.67 -2.09
C ASN A 67 -0.78 -10.54 -2.40
N VAL A 68 -1.97 -9.94 -2.38
CA VAL A 68 -3.16 -10.51 -2.97
C VAL A 68 -3.22 -10.01 -4.40
N GLU A 69 -3.10 -10.92 -5.36
CA GLU A 69 -2.98 -10.61 -6.76
C GLU A 69 -4.33 -10.77 -7.48
N PHE A 70 -4.54 -9.90 -8.47
CA PHE A 70 -5.77 -9.87 -9.23
C PHE A 70 -5.50 -10.15 -10.69
N ASP A 71 -6.49 -10.69 -11.35
CA ASP A 71 -6.49 -10.81 -12.80
C ASP A 71 -6.73 -9.44 -13.39
N ASP A 72 -5.69 -8.86 -13.98
CA ASP A 72 -5.74 -7.53 -14.56
C ASP A 72 -5.69 -7.60 -16.08
N SER A 73 -6.14 -8.72 -16.68
CA SER A 73 -6.10 -8.94 -18.12
C SER A 73 -7.32 -8.34 -18.83
N GLN A 74 -8.33 -7.94 -18.06
CA GLN A 74 -9.54 -7.34 -18.60
C GLN A 74 -9.85 -6.10 -17.79
N ASP A 75 -10.82 -5.36 -18.32
CA ASP A 75 -11.24 -4.12 -17.71
C ASP A 75 -12.19 -4.42 -16.54
N LYS A 76 -11.72 -4.56 -15.26
CA LYS A 76 -12.53 -5.18 -14.18
C LYS A 76 -12.69 -4.65 -12.72
N ALA A 77 -11.63 -4.17 -12.14
CA ALA A 77 -11.51 -3.46 -10.87
C ALA A 77 -10.69 -2.22 -11.16
N VAL A 78 -11.34 -1.09 -11.21
CA VAL A 78 -10.63 0.09 -11.59
C VAL A 78 -10.89 1.23 -10.64
N LEU A 79 -9.92 2.12 -10.64
CA LEU A 79 -9.92 3.35 -9.90
C LEU A 79 -9.86 4.47 -10.91
N LYS A 80 -10.73 5.47 -10.75
CA LYS A 80 -10.78 6.62 -11.61
C LYS A 80 -11.23 7.81 -10.78
N GLY A 81 -11.17 9.00 -11.40
CA GLY A 81 -11.64 10.21 -10.77
C GLY A 81 -10.65 10.72 -9.74
N GLY A 82 -11.12 11.65 -8.89
CA GLY A 82 -10.22 12.28 -7.95
C GLY A 82 -9.15 13.07 -8.71
N PRO A 83 -7.87 12.84 -8.40
CA PRO A 83 -6.81 13.51 -9.12
C PRO A 83 -6.48 12.87 -10.46
N LEU A 84 -7.07 11.70 -10.75
CA LEU A 84 -6.59 10.85 -11.83
C LEU A 84 -7.21 11.24 -13.17
N ASP A 85 -6.38 11.20 -14.19
CA ASP A 85 -6.83 11.28 -15.56
C ASP A 85 -6.87 9.84 -16.08
N GLY A 86 -8.00 9.41 -16.60
CA GLY A 86 -8.10 8.08 -17.19
C GLY A 86 -8.39 7.01 -16.15
N THR A 87 -7.97 5.79 -16.45
N THR A 87 -8.03 5.77 -16.51
CA THR A 87 -8.44 4.65 -15.68
CA THR A 87 -8.45 4.55 -15.83
C THR A 87 -7.27 3.78 -15.28
C THR A 87 -7.22 3.89 -15.26
N TYR A 88 -7.30 3.40 -14.01
CA TYR A 88 -6.22 2.66 -13.41
C TYR A 88 -6.76 1.32 -12.96
N ARG A 89 -6.08 0.25 -13.31
CA ARG A 89 -6.58 -1.11 -13.08
C ARG A 89 -5.88 -1.72 -11.87
N LEU A 90 -6.65 -2.33 -10.96
CA LEU A 90 -6.09 -3.01 -9.80
C LEU A 90 -5.28 -4.23 -10.22
N ILE A 91 -4.05 -4.32 -9.70
CA ILE A 91 -3.18 -5.47 -9.92
C ILE A 91 -2.90 -6.25 -8.64
N GLN A 92 -2.79 -5.60 -7.50
CA GLN A 92 -2.51 -6.32 -6.26
C GLN A 92 -2.78 -5.39 -5.08
N PHE A 93 -2.95 -5.98 -3.91
CA PHE A 93 -2.82 -5.22 -2.69
C PHE A 93 -1.92 -5.96 -1.71
N HIS A 94 -1.38 -5.17 -0.77
CA HIS A 94 -0.55 -5.68 0.30
C HIS A 94 -0.63 -4.70 1.46
N PHE A 95 0.03 -5.05 2.57
CA PHE A 95 0.09 -4.24 3.77
C PHE A 95 1.54 -4.02 4.19
N HIS A 96 1.68 -3.02 5.06
CA HIS A 96 2.86 -2.78 5.85
C HIS A 96 2.39 -2.71 7.30
N TRP A 97 3.16 -3.28 8.23
CA TRP A 97 2.72 -3.32 9.61
C TRP A 97 3.90 -3.35 10.56
N GLY A 98 3.59 -3.18 11.84
CA GLY A 98 4.58 -3.04 12.87
C GLY A 98 4.73 -4.28 13.73
N SER A 99 5.74 -4.20 14.63
CA SER A 99 5.91 -5.20 15.69
C SER A 99 5.02 -4.91 16.89
N LEU A 100 4.49 -3.68 16.97
CA LEU A 100 3.71 -3.17 18.08
C LEU A 100 2.60 -2.32 17.49
N ASP A 101 1.49 -2.16 18.21
CA ASP A 101 0.36 -1.46 17.63
C ASP A 101 0.66 0.01 17.37
N GLY A 102 1.65 0.60 18.05
CA GLY A 102 2.02 2.00 17.93
C GLY A 102 2.84 2.37 16.70
N GLN A 103 3.09 1.41 15.80
CA GLN A 103 3.85 1.71 14.59
C GLN A 103 3.45 0.68 13.53
N GLY A 104 3.79 1.00 12.28
CA GLY A 104 3.52 0.10 11.20
C GLY A 104 3.12 0.80 9.92
N SER A 105 2.45 1.96 10.02
CA SER A 105 2.08 2.66 8.81
C SER A 105 3.32 3.31 8.19
N GLU A 106 3.20 3.59 6.89
CA GLU A 106 4.22 4.28 6.12
C GLU A 106 3.92 5.78 6.10
N HIS A 107 2.77 6.15 5.55
CA HIS A 107 2.32 7.53 5.76
C HIS A 107 2.00 7.73 7.24
N THR A 108 2.15 8.97 7.67
CA THR A 108 1.76 9.43 8.99
C THR A 108 0.84 10.64 8.81
N VAL A 109 0.05 10.90 9.85
CA VAL A 109 -0.91 11.98 9.80
C VAL A 109 -0.62 12.87 11.00
N ASP A 110 -0.06 14.05 10.75
CA ASP A 110 0.40 14.89 11.86
C ASP A 110 1.33 14.11 12.79
N LYS A 111 2.21 13.33 12.14
CA LYS A 111 3.25 12.50 12.75
C LYS A 111 2.68 11.24 13.41
N LYS A 112 1.35 11.07 13.45
CA LYS A 112 0.77 9.85 14.00
C LYS A 112 1.04 8.66 13.10
N LYS A 113 1.55 7.58 13.70
CA LYS A 113 1.73 6.29 13.05
C LYS A 113 0.56 5.39 13.41
N TYR A 114 -0.03 4.76 12.40
CA TYR A 114 -1.05 3.75 12.59
C TYR A 114 -0.40 2.37 12.72
N ALA A 115 -1.21 1.37 13.09
CA ALA A 115 -0.71 0.02 13.29
C ALA A 115 -0.31 -0.65 11.98
N ALA A 116 -0.90 -0.25 10.88
CA ALA A 116 -0.62 -0.86 9.61
C ALA A 116 -1.17 0.06 8.51
N GLU A 117 -0.85 -0.29 7.28
CA GLU A 117 -1.30 0.48 6.11
C GLU A 117 -1.49 -0.49 4.94
N LEU A 118 -2.66 -0.42 4.34
CA LEU A 118 -3.05 -1.19 3.16
C LEU A 118 -2.77 -0.35 1.92
N HIS A 119 -2.15 -0.97 0.92
CA HIS A 119 -1.88 -0.37 -0.38
C HIS A 119 -2.55 -1.20 -1.49
N LEU A 120 -3.54 -0.58 -2.15
CA LEU A 120 -4.18 -1.15 -3.32
C LEU A 120 -3.52 -0.50 -4.53
N VAL A 121 -2.80 -1.31 -5.32
CA VAL A 121 -1.93 -0.85 -6.39
C VAL A 121 -2.63 -0.97 -7.74
N HIS A 122 -2.62 0.12 -8.50
CA HIS A 122 -3.29 0.18 -9.79
C HIS A 122 -2.36 0.78 -10.82
N TRP A 123 -2.50 0.33 -12.08
CA TRP A 123 -1.69 0.87 -13.16
C TRP A 123 -2.56 1.52 -14.23
N ASN A 124 -1.98 2.57 -14.83
CA ASN A 124 -2.69 3.40 -15.82
C ASN A 124 -2.83 2.64 -17.12
N THR A 125 -4.08 2.38 -17.54
CA THR A 125 -4.31 1.51 -18.70
C THR A 125 -3.78 2.10 -19.98
N LYS A 126 -3.51 3.41 -20.02
CA LYS A 126 -2.99 3.99 -21.26
C LYS A 126 -1.61 3.44 -21.59
N TYR A 127 -0.92 2.82 -20.61
CA TYR A 127 0.43 2.30 -20.82
C TYR A 127 0.47 0.80 -21.08
N GLY A 128 -0.69 0.13 -21.09
CA GLY A 128 -0.78 -1.23 -21.61
C GLY A 128 -0.47 -2.35 -20.63
N ASP A 129 0.59 -2.19 -19.81
CA ASP A 129 1.00 -3.18 -18.81
C ASP A 129 1.64 -2.47 -17.65
N PHE A 130 1.80 -3.18 -16.53
CA PHE A 130 2.39 -2.61 -15.33
C PHE A 130 3.85 -2.22 -15.60
N GLY A 131 4.59 -3.09 -16.31
CA GLY A 131 6.00 -2.81 -16.56
C GLY A 131 6.26 -1.52 -17.34
N LYS A 132 5.42 -1.23 -18.32
CA LYS A 132 5.52 0.03 -19.02
C LYS A 132 5.02 1.20 -18.17
N ALA A 133 3.97 0.95 -17.38
CA ALA A 133 3.45 1.99 -16.50
C ALA A 133 4.52 2.52 -15.53
N VAL A 134 5.40 1.65 -15.02
CA VAL A 134 6.42 2.08 -14.08
C VAL A 134 7.63 2.74 -14.74
N GLN A 135 7.49 3.10 -16.01
CA GLN A 135 8.42 3.98 -16.69
C GLN A 135 7.82 5.37 -16.92
N GLN A 136 6.70 5.65 -16.25
CA GLN A 136 5.93 6.86 -16.53
C GLN A 136 5.68 7.63 -15.22
N PRO A 137 5.61 8.97 -15.28
CA PRO A 137 5.39 9.75 -14.06
C PRO A 137 3.96 9.63 -13.53
N ASP A 138 3.01 9.19 -14.38
CA ASP A 138 1.63 8.96 -14.01
C ASP A 138 1.25 7.51 -14.27
N GLY A 139 2.20 6.61 -14.05
CA GLY A 139 1.95 5.22 -14.33
C GLY A 139 1.08 4.48 -13.34
N LEU A 140 1.14 4.87 -12.04
CA LEU A 140 0.50 4.10 -11.00
C LEU A 140 -0.40 4.99 -10.16
N ALA A 141 -1.40 4.38 -9.54
CA ALA A 141 -2.19 5.02 -8.50
C ALA A 141 -2.30 4.03 -7.37
N VAL A 142 -1.95 4.48 -6.17
CA VAL A 142 -2.04 3.62 -4.99
C VAL A 142 -3.05 4.25 -4.03
N LEU A 143 -4.05 3.44 -3.68
CA LEU A 143 -5.00 3.80 -2.63
C LEU A 143 -4.47 3.28 -1.33
N GLY A 144 -4.16 4.18 -0.40
CA GLY A 144 -3.64 3.84 0.90
C GLY A 144 -4.69 3.99 1.98
N ILE A 145 -4.77 2.99 2.84
CA ILE A 145 -5.80 2.92 3.89
C ILE A 145 -5.12 2.56 5.19
N PHE A 146 -5.29 3.38 6.22
CA PHE A 146 -4.72 3.10 7.50
C PHE A 146 -5.52 2.04 8.24
N LEU A 147 -4.82 1.25 9.06
CA LEU A 147 -5.40 0.30 9.97
C LEU A 147 -5.09 0.69 11.41
N LYS A 148 -6.12 0.72 12.24
CA LYS A 148 -5.99 0.83 13.69
C LYS A 148 -6.49 -0.45 14.35
N VAL A 149 -6.02 -0.73 15.56
CA VAL A 149 -6.44 -1.91 16.30
C VAL A 149 -7.63 -1.55 17.16
N GLY A 150 -8.72 -2.30 16.95
CA GLY A 150 -9.91 -2.16 17.77
C GLY A 150 -10.82 -3.32 17.41
N SER A 151 -11.98 -3.01 16.86
CA SER A 151 -12.90 -4.02 16.40
C SER A 151 -12.33 -4.81 15.22
N ALA A 152 -12.70 -6.08 15.10
CA ALA A 152 -12.31 -6.89 13.97
C ALA A 152 -12.94 -6.36 12.68
N LYS A 153 -12.22 -6.60 11.58
CA LYS A 153 -12.70 -6.30 10.24
C LYS A 153 -13.12 -7.60 9.61
N PRO A 154 -14.42 -7.87 9.50
CA PRO A 154 -14.82 -9.17 8.98
C PRO A 154 -14.28 -9.45 7.59
N GLY A 155 -14.24 -8.40 6.77
CA GLY A 155 -13.78 -8.52 5.39
C GLY A 155 -12.29 -8.82 5.21
N LEU A 156 -11.52 -8.79 6.31
CA LEU A 156 -10.11 -9.15 6.31
C LEU A 156 -9.92 -10.61 6.72
N GLN A 157 -10.89 -11.25 7.36
CA GLN A 157 -10.61 -12.52 8.02
C GLN A 157 -10.17 -13.59 7.03
N LYS A 158 -10.67 -13.59 5.79
CA LYS A 158 -10.25 -14.59 4.83
C LYS A 158 -8.76 -14.46 4.51
N VAL A 159 -8.24 -13.24 4.49
CA VAL A 159 -6.79 -13.04 4.37
C VAL A 159 -6.06 -13.60 5.57
N VAL A 160 -6.50 -13.26 6.78
CA VAL A 160 -5.90 -13.76 8.00
C VAL A 160 -5.85 -15.29 7.99
N ASP A 161 -6.94 -15.92 7.60
CA ASP A 161 -7.05 -17.35 7.69
C ASP A 161 -6.11 -18.08 6.72
N VAL A 162 -5.69 -17.47 5.62
CA VAL A 162 -4.87 -18.15 4.64
C VAL A 162 -3.38 -17.96 4.95
N LEU A 163 -3.01 -17.07 5.89
CA LEU A 163 -1.60 -16.79 6.14
C LEU A 163 -0.81 -18.00 6.57
N ASP A 164 -1.47 -18.96 7.24
CA ASP A 164 -0.78 -20.15 7.71
C ASP A 164 -0.21 -20.92 6.54
N SER A 165 -0.78 -20.77 5.35
CA SER A 165 -0.33 -21.49 4.17
C SER A 165 0.74 -20.77 3.38
N ILE A 166 1.09 -19.52 3.77
CA ILE A 166 2.10 -18.78 3.09
C ILE A 166 3.10 -18.20 4.10
N LYS A 167 3.52 -19.02 5.05
CA LYS A 167 4.26 -18.50 6.18
C LYS A 167 5.60 -17.89 5.78
N THR A 168 6.24 -18.50 4.79
CA THR A 168 7.61 -18.22 4.42
C THR A 168 7.72 -17.73 2.97
N LYS A 169 8.81 -17.00 2.77
CA LYS A 169 9.14 -16.38 1.51
C LYS A 169 9.05 -17.38 0.36
N GLY A 170 8.35 -17.01 -0.70
CA GLY A 170 8.21 -17.83 -1.87
C GLY A 170 6.98 -18.74 -1.86
N LYS A 171 6.26 -18.86 -0.75
CA LYS A 171 5.03 -19.62 -0.75
C LYS A 171 3.85 -18.80 -1.26
N SER A 172 2.98 -19.47 -2.03
CA SER A 172 1.74 -18.90 -2.53
C SER A 172 0.58 -19.84 -2.31
N ALA A 173 -0.65 -19.30 -2.36
CA ALA A 173 -1.85 -20.11 -2.25
C ALA A 173 -2.93 -19.54 -3.15
N ASP A 174 -3.78 -20.41 -3.68
CA ASP A 174 -4.91 -19.94 -4.44
C ASP A 174 -5.72 -19.03 -3.53
N PHE A 175 -6.23 -17.94 -4.12
CA PHE A 175 -6.98 -16.99 -3.34
C PHE A 175 -8.00 -16.31 -4.21
N THR A 176 -8.97 -17.07 -4.64
CA THR A 176 -10.00 -16.60 -5.54
C THR A 176 -11.20 -16.06 -4.80
N ASN A 177 -11.99 -15.24 -5.49
CA ASN A 177 -13.26 -14.72 -5.01
C ASN A 177 -13.14 -13.86 -3.76
N PHE A 178 -12.01 -13.20 -3.57
CA PHE A 178 -11.90 -12.27 -2.46
C PHE A 178 -12.38 -10.90 -2.90
N ASP A 179 -13.21 -10.26 -2.07
CA ASP A 179 -13.82 -8.98 -2.42
C ASP A 179 -13.07 -7.84 -1.73
N PRO A 180 -12.26 -7.05 -2.46
CA PRO A 180 -11.50 -5.98 -1.80
C PRO A 180 -12.39 -4.85 -1.31
N ARG A 181 -13.66 -4.82 -1.71
CA ARG A 181 -14.56 -3.79 -1.16
C ARG A 181 -14.72 -3.93 0.35
N GLY A 182 -14.49 -5.14 0.88
CA GLY A 182 -14.59 -5.37 2.30
C GLY A 182 -13.48 -4.77 3.12
N LEU A 183 -12.50 -4.11 2.46
CA LEU A 183 -11.39 -3.46 3.15
C LEU A 183 -11.51 -1.95 3.12
N LEU A 184 -12.58 -1.40 2.56
CA LEU A 184 -12.72 0.05 2.38
C LEU A 184 -13.53 0.65 3.54
N PRO A 185 -13.10 1.79 4.08
CA PRO A 185 -13.88 2.48 5.12
C PRO A 185 -15.12 3.09 4.49
N GLU A 186 -15.95 3.61 5.40
N GLU A 186 -16.00 3.66 5.33
CA GLU A 186 -17.20 4.23 5.01
CA GLU A 186 -17.23 4.24 4.81
C GLU A 186 -16.93 5.40 4.04
C GLU A 186 -16.96 5.48 3.97
N SER A 187 -16.05 6.33 4.44
CA SER A 187 -15.78 7.57 3.72
C SER A 187 -14.63 7.41 2.74
N LEU A 188 -14.76 8.03 1.57
CA LEU A 188 -13.67 8.13 0.61
C LEU A 188 -12.93 9.46 0.71
N ASP A 189 -13.11 10.26 1.75
CA ASP A 189 -12.30 11.46 1.90
C ASP A 189 -10.83 11.09 1.86
N TYR A 190 -10.02 11.90 1.17
CA TYR A 190 -8.63 11.54 0.98
C TYR A 190 -7.73 12.77 0.87
N TRP A 191 -6.45 12.48 1.01
CA TRP A 191 -5.37 13.36 0.64
C TRP A 191 -4.64 12.76 -0.56
N THR A 192 -4.09 13.61 -1.41
CA THR A 192 -3.37 13.14 -2.59
C THR A 192 -2.11 13.95 -2.84
N TYR A 193 -1.08 13.27 -3.35
CA TYR A 193 0.17 13.92 -3.71
C TYR A 193 0.91 12.98 -4.66
N PRO A 194 1.91 13.51 -5.39
CA PRO A 194 2.73 12.68 -6.29
C PRO A 194 3.91 12.06 -5.54
N GLY A 195 4.11 10.77 -5.67
CA GLY A 195 5.20 10.11 -4.96
C GLY A 195 5.71 8.89 -5.70
N SER A 196 6.10 7.92 -4.90
CA SER A 196 6.89 6.79 -5.37
C SER A 196 6.39 5.48 -4.82
N LEU A 197 6.94 4.37 -5.35
CA LEU A 197 6.90 3.11 -4.63
C LEU A 197 7.62 3.26 -3.30
N THR A 198 7.15 2.56 -2.26
CA THR A 198 7.80 2.67 -0.97
C THR A 198 8.79 1.55 -0.68
N THR A 199 8.97 0.65 -1.65
CA THR A 199 10.01 -0.35 -1.59
C THR A 199 10.88 -0.21 -2.80
N PRO A 200 12.13 -0.69 -2.77
CA PRO A 200 12.89 -0.83 -4.00
C PRO A 200 12.06 -1.47 -5.08
N PRO A 201 12.08 -0.98 -6.34
CA PRO A 201 13.02 0.04 -6.85
C PRO A 201 12.66 1.50 -6.64
N LEU A 202 11.63 1.81 -5.80
CA LEU A 202 11.40 3.19 -5.33
C LEU A 202 11.04 4.14 -6.48
N LEU A 203 10.42 3.61 -7.53
CA LEU A 203 10.19 4.35 -8.77
C LEU A 203 9.15 5.44 -8.54
N GLU A 204 9.41 6.60 -9.13
CA GLU A 204 8.62 7.82 -8.90
C GLU A 204 7.47 7.91 -9.92
N CYS A 205 6.51 7.00 -9.75
N CYS A 205 6.48 7.01 -9.76
CA CYS A 205 5.50 6.83 -10.76
CA CYS A 205 5.42 6.80 -10.75
C CYS A 205 4.10 6.84 -10.17
C CYS A 205 4.01 6.99 -10.18
N VAL A 206 3.93 7.24 -8.87
CA VAL A 206 2.68 7.00 -8.16
C VAL A 206 1.93 8.28 -7.90
N THR A 207 0.63 8.30 -8.22
CA THR A 207 -0.31 9.24 -7.60
C THR A 207 -0.89 8.57 -6.37
N TRP A 208 -0.53 9.12 -5.21
CA TRP A 208 -1.00 8.58 -3.95
C TRP A 208 -2.37 9.16 -3.61
N ILE A 209 -3.26 8.28 -3.15
CA ILE A 209 -4.59 8.65 -2.68
C ILE A 209 -4.71 7.98 -1.32
N VAL A 210 -4.58 8.75 -0.24
CA VAL A 210 -4.53 8.23 1.12
C VAL A 210 -5.83 8.59 1.82
N LEU A 211 -6.62 7.59 2.17
CA LEU A 211 -7.92 7.83 2.78
C LEU A 211 -7.72 8.36 4.21
N LYS A 212 -8.58 9.32 4.59
CA LYS A 212 -8.51 9.88 5.94
C LYS A 212 -9.06 8.91 6.98
N GLU A 213 -10.12 8.16 6.68
CA GLU A 213 -10.76 7.31 7.68
C GLU A 213 -10.01 5.99 7.72
N PRO A 214 -9.49 5.58 8.90
CA PRO A 214 -8.87 4.26 9.01
C PRO A 214 -9.93 3.20 9.05
N ILE A 215 -9.53 1.96 8.77
CA ILE A 215 -10.33 0.81 9.11
C ILE A 215 -9.82 0.27 10.43
N SER A 216 -10.70 -0.37 11.18
CA SER A 216 -10.35 -1.06 12.41
C SER A 216 -10.18 -2.54 12.13
N VAL A 217 -9.11 -3.13 12.68
CA VAL A 217 -8.89 -4.56 12.68
C VAL A 217 -8.65 -5.00 14.11
N SER A 218 -8.86 -6.28 14.41
CA SER A 218 -8.66 -6.68 15.81
C SER A 218 -7.19 -6.97 16.10
N SER A 219 -6.89 -6.98 17.40
N SER A 219 -6.86 -6.96 17.40
CA SER A 219 -5.54 -7.29 17.80
CA SER A 219 -5.52 -7.34 17.85
C SER A 219 -5.17 -8.69 17.30
C SER A 219 -5.16 -8.70 17.28
N GLU A 220 -6.12 -9.63 17.30
CA GLU A 220 -5.82 -10.98 16.86
C GLU A 220 -5.51 -11.02 15.35
N GLN A 221 -6.18 -10.19 14.56
CA GLN A 221 -5.91 -10.14 13.13
C GLN A 221 -4.48 -9.66 12.89
N VAL A 222 -4.10 -8.55 13.49
CA VAL A 222 -2.76 -8.03 13.24
C VAL A 222 -1.69 -8.96 13.84
N LEU A 223 -2.00 -9.62 14.96
CA LEU A 223 -1.05 -10.56 15.54
C LEU A 223 -0.72 -11.68 14.55
N LYS A 224 -1.69 -12.10 13.74
CA LYS A 224 -1.43 -13.14 12.76
C LYS A 224 -0.51 -12.64 11.64
N PHE A 225 -0.63 -11.40 11.24
CA PHE A 225 0.30 -10.81 10.29
C PHE A 225 1.74 -10.94 10.82
N ARG A 226 1.90 -10.70 12.12
CA ARG A 226 3.20 -10.65 12.75
C ARG A 226 3.81 -12.04 12.97
N LYS A 227 3.09 -13.11 12.65
CA LYS A 227 3.59 -14.48 12.68
C LYS A 227 4.16 -14.93 11.34
N LEU A 228 3.95 -14.16 10.29
CA LEU A 228 4.60 -14.42 9.02
C LEU A 228 6.10 -14.32 9.16
N ASN A 229 6.80 -14.84 8.18
CA ASN A 229 8.26 -14.87 8.15
C ASN A 229 8.82 -14.17 6.92
N PHE A 230 9.87 -13.38 7.13
CA PHE A 230 10.66 -12.84 6.03
C PHE A 230 11.49 -13.92 5.33
N ASN A 231 11.95 -14.90 6.11
CA ASN A 231 12.81 -15.96 5.63
C ASN A 231 12.02 -17.00 4.84
N GLY A 232 12.80 -17.79 4.09
CA GLY A 232 12.28 -18.96 3.42
C GLY A 232 12.19 -20.18 4.34
N GLU A 233 11.44 -21.18 3.89
CA GLU A 233 11.32 -22.44 4.62
C GLU A 233 12.70 -23.04 4.85
N GLY A 234 12.92 -23.52 6.08
CA GLY A 234 14.15 -24.21 6.43
C GLY A 234 15.30 -23.26 6.73
N GLU A 235 14.99 -21.97 6.87
CA GLU A 235 15.98 -20.96 7.23
C GLU A 235 15.63 -20.42 8.61
N PRO A 236 16.60 -19.77 9.29
CA PRO A 236 16.34 -19.24 10.62
C PRO A 236 15.16 -18.27 10.59
N GLU A 237 14.31 -18.34 11.62
CA GLU A 237 13.06 -17.59 11.62
C GLU A 237 13.30 -16.11 11.93
N GLU A 238 12.79 -15.26 11.04
CA GLU A 238 12.78 -13.82 11.16
C GLU A 238 11.34 -13.36 10.97
N LEU A 239 10.71 -12.91 12.06
CA LEU A 239 9.32 -12.54 11.96
C LEU A 239 9.17 -11.35 11.00
N MET A 240 8.15 -11.43 10.16
CA MET A 240 7.78 -10.36 9.23
C MET A 240 7.01 -9.31 10.02
N VAL A 241 7.77 -8.34 10.54
CA VAL A 241 7.27 -7.20 11.29
C VAL A 241 8.11 -6.00 10.90
N ASP A 242 7.51 -4.82 11.07
CA ASP A 242 8.20 -3.57 10.81
C ASP A 242 8.73 -3.49 9.38
N ASN A 243 7.85 -3.87 8.45
CA ASN A 243 8.14 -3.83 7.02
C ASN A 243 7.63 -2.51 6.41
N TRP A 244 7.92 -1.40 7.08
CA TRP A 244 7.54 -0.05 6.67
C TRP A 244 8.75 0.82 6.49
N ARG A 245 8.67 1.70 5.49
CA ARG A 245 9.62 2.75 5.25
C ARG A 245 9.14 4.00 5.98
N PRO A 246 10.04 4.72 6.70
CA PRO A 246 9.62 5.94 7.35
C PRO A 246 9.35 7.07 6.36
N ALA A 247 8.73 8.12 6.89
CA ALA A 247 8.44 9.31 6.09
C ALA A 247 9.70 9.94 5.49
N GLN A 248 9.57 10.39 4.24
CA GLN A 248 10.63 10.97 3.44
C GLN A 248 10.38 12.45 3.26
N PRO A 249 11.40 13.22 2.83
CA PRO A 249 11.24 14.65 2.67
C PRO A 249 10.18 15.00 1.65
N LEU A 250 9.34 15.97 1.99
CA LEU A 250 8.29 16.39 1.08
C LEU A 250 8.81 17.13 -0.14
N LYS A 251 9.92 17.85 0.01
CA LYS A 251 10.55 18.57 -1.09
C LYS A 251 9.53 19.53 -1.71
N ASN A 252 9.50 19.62 -3.03
CA ASN A 252 8.67 20.62 -3.68
C ASN A 252 7.32 19.99 -4.00
N ARG A 253 6.59 19.46 -2.95
CA ARG A 253 5.26 18.95 -3.19
C ARG A 253 4.21 19.58 -2.31
N GLN A 254 2.99 19.53 -2.84
CA GLN A 254 1.82 19.96 -2.08
C GLN A 254 0.89 18.75 -1.96
N ILE A 255 0.36 18.59 -0.77
CA ILE A 255 -0.65 17.59 -0.52
C ILE A 255 -2.02 18.28 -0.59
N LYS A 256 -2.92 17.71 -1.38
CA LYS A 256 -4.26 18.26 -1.53
C LYS A 256 -5.26 17.38 -0.82
N ALA A 257 -6.29 18.01 -0.26
CA ALA A 257 -7.39 17.32 0.39
C ALA A 257 -8.62 17.34 -0.51
N SER A 258 -9.37 16.24 -0.46
CA SER A 258 -10.61 16.13 -1.22
C SER A 258 -11.81 16.74 -0.51
N PHE A 259 -11.62 17.16 0.72
CA PHE A 259 -12.68 17.49 1.66
C PHE A 259 -12.36 18.81 2.31
N LYS A 260 -13.44 19.48 2.72
CA LYS A 260 -13.47 20.54 3.71
C LYS A 260 -12.44 21.65 3.42
ZN ZN B . 3.14 -0.76 -0.09
C2 A1IKU C . 6.00 -1.24 -3.77
C4 A1IKU C . 5.71 -2.45 -5.88
C5 A1IKU C . 4.36 -2.11 -5.80
C6 A1IKU C . 3.85 -1.33 -4.75
C1 A1IKU C . 4.63 -0.86 -3.65
C3 A1IKU C . 6.50 -2.00 -4.83
C7 A1IKU C . 6.31 -3.28 -7.00
B1 A1IKU C . 4.10 0.07 -2.42
O1 A1IKU C . 4.62 -0.21 -1.15
O2 A1IKU C . 4.52 1.51 -2.78
O3 A1IKU C . 2.67 0.03 -2.33
C1 GOL D . 5.45 -5.31 -3.26
O1 GOL D . 4.63 -5.94 -4.25
C2 GOL D . 4.76 -5.32 -1.90
O2 GOL D . 4.60 -6.66 -1.48
C3 GOL D . 5.48 -4.57 -0.78
O3 GOL D . 6.74 -5.18 -0.52
S DMS E . 10.94 0.06 10.12
O DMS E . 11.22 1.52 9.69
C1 DMS E . 12.09 -0.83 9.18
C2 DMS E . 11.64 -0.19 11.70
HG MBO F . 8.08 6.96 -13.08
CE1 MBO F . 8.90 8.66 -14.00
CE2 MBO F . 8.99 9.84 -13.27
CE3 MBO F . 9.45 11.02 -13.83
CE4 MBO F . 9.93 11.02 -15.12
CE5 MBO F . 9.88 9.86 -15.86
CE6 MBO F . 9.42 8.68 -15.30
CZ MBO F . 10.46 12.28 -15.74
OZ1 MBO F . 10.41 13.32 -15.09
OZ2 MBO F . 10.97 12.18 -16.84
#